data_3NC8
#
_entry.id   3NC8
#
_cell.length_a   49.809
_cell.length_b   67.947
_cell.length_c   75.279
_cell.angle_alpha   90.000
_cell.angle_beta   90.000
_cell.angle_gamma   90.000
#
_symmetry.space_group_name_H-M   'P 21 21 21'
#
loop_
_entity.id
_entity.type
_entity.pdbx_description
1 polymer Beta-lactamase
2 non-polymer 'PHOSPHATE ION'
3 non-polymer '2-[(1R)-1-{[(E)-azepan-1-ylmethylidene]amino}-2-oxoethyl]-5,5-dimethyl-1,3-thiazolidine-4-carboxylic acid'
4 water water
#
_entity_poly.entity_id   1
_entity_poly.type   'polypeptide(L)'
_entity_poly.pdbx_seq_one_letter_code
;DLADRFAELERRYDARLGVYVPATGTTAAIEYRADERFAFCSTFKAPLVAAVLHQNPLTHLDKLITYTSDDIRSISPVAQ
QHVQTGMTIGQLCDAAIRYSDGTAANLLLADLGGPGGGTAAFTGYLRSLGDTVSRLDAEAPELNRDPPGDERDTTTPHAI
ALVLQQLVLGNALPPDKRALLTDWMARNTTGAKRIRAGFPADWKVIDKTGTGDYGRANDIAVVWSPTGVPYVVAVMSDRA
GGGYDAEPREALLAEAATCVAGVLA
;
_entity_poly.pdbx_strand_id   A
#
loop_
_chem_comp.id
_chem_comp.type
_chem_comp.name
_chem_comp.formula
DH4 non-polymer '2-[(1R)-1-{[(E)-azepan-1-ylmethylidene]amino}-2-oxoethyl]-5,5-dimethyl-1,3-thiazolidine-4-carboxylic acid' 'C15 H25 N3 O3 S'
PO4 non-polymer 'PHOSPHATE ION' 'O4 P -3'
#
# COMPACT_ATOMS: atom_id res chain seq x y z
N ASP A 1 8.74 7.92 25.47
CA ASP A 1 7.67 8.63 24.70
C ASP A 1 7.71 8.29 23.20
N LEU A 2 6.54 7.97 22.65
CA LEU A 2 6.41 7.47 21.28
C LEU A 2 6.90 8.46 20.21
N ALA A 3 6.44 9.71 20.29
CA ALA A 3 6.90 10.75 19.36
C ALA A 3 8.42 10.95 19.45
N ASP A 4 8.97 10.86 20.66
CA ASP A 4 10.43 10.96 20.81
C ASP A 4 11.16 9.81 20.13
N ARG A 5 10.61 8.60 20.24
CA ARG A 5 11.17 7.44 19.59
C ARG A 5 11.11 7.55 18.07
N PHE A 6 9.97 7.99 17.53
CA PHE A 6 9.88 8.21 16.10
C PHE A 6 10.85 9.30 15.60
N ALA A 7 10.99 10.38 16.36
CA ALA A 7 11.98 11.40 15.99
C ALA A 7 13.41 10.85 16.01
N GLU A 8 13.73 9.98 16.98
CA GLU A 8 15.05 9.35 17.03
C GLU A 8 15.30 8.54 15.75
N LEU A 9 14.27 7.81 15.30
CA LEU A 9 14.38 7.02 14.07
C LEU A 9 14.61 7.89 12.85
N GLU A 10 13.91 9.03 12.78
CA GLU A 10 14.17 9.98 11.69
C GLU A 10 15.63 10.41 11.64
N ARG A 11 16.21 10.71 12.78
CA ARG A 11 17.63 11.09 12.82
C ARG A 11 18.54 9.93 12.43
N ARG A 12 18.23 8.72 12.91
CA ARG A 12 19.06 7.54 12.61
C ARG A 12 19.15 7.24 11.13
N TYR A 13 18.03 7.44 10.42
CA TYR A 13 17.93 7.03 9.02
C TYR A 13 17.91 8.22 8.06
N ASP A 14 18.16 9.42 8.59
CA ASP A 14 18.08 10.67 7.82
C ASP A 14 16.81 10.70 6.97
N ALA A 15 15.69 10.50 7.66
CA ALA A 15 14.43 10.24 7.02
C ALA A 15 13.30 11.11 7.60
N ARG A 16 12.22 11.11 6.85
CA ARG A 16 10.94 11.62 7.29
C ARG A 16 10.05 10.40 7.44
N LEU A 17 9.45 10.27 8.61
CA LEU A 17 8.61 9.09 8.97
C LEU A 17 7.21 9.54 9.27
N GLY A 18 6.23 8.78 8.76
CA GLY A 18 4.82 9.03 9.08
C GLY A 18 4.20 7.73 9.54
N VAL A 19 3.39 7.83 10.57
CA VAL A 19 2.76 6.66 11.22
C VAL A 19 1.32 7.01 11.56
N TYR A 20 0.41 6.10 11.25
CA TYR A 20 -0.96 6.21 11.75
C TYR A 20 -1.54 4.86 12.11
N VAL A 21 -2.14 4.80 13.31
CA VAL A 21 -2.95 3.65 13.74
C VAL A 21 -4.27 4.23 14.22
N PRO A 22 -5.39 3.94 13.53
CA PRO A 22 -6.69 4.48 13.98
C PRO A 22 -7.04 4.05 15.39
N ALA A 23 -7.80 4.91 16.08
CA ALA A 23 -8.31 4.60 17.42
C ALA A 23 -9.19 3.38 17.36
N THR A 24 -9.15 2.61 18.45
CA THR A 24 -10.02 1.44 18.63
C THR A 24 -10.78 1.58 19.93
N GLY A 25 -11.45 0.48 20.29
CA GLY A 25 -12.12 0.36 21.60
C GLY A 25 -11.39 1.06 22.73
N THR A 26 -10.17 0.64 22.99
CA THR A 26 -9.44 1.09 24.17
C THR A 26 -8.07 1.72 23.87
N THR A 27 -7.77 1.95 22.60
CA THR A 27 -6.52 2.63 22.29
C THR A 27 -6.83 3.92 21.54
N ALA A 28 -6.08 4.95 21.88
CA ALA A 28 -6.13 6.21 21.16
C ALA A 28 -5.41 6.00 19.83
N ALA A 29 -5.77 6.81 18.85
CA ALA A 29 -4.99 6.85 17.60
C ALA A 29 -3.52 7.10 17.91
N ILE A 30 -2.66 6.39 17.21
CA ILE A 30 -1.24 6.68 17.18
C ILE A 30 -0.99 7.50 15.91
N GLU A 31 -0.38 8.67 16.08
CA GLU A 31 -0.15 9.55 14.94
C GLU A 31 1.20 10.25 15.05
N TYR A 32 1.94 10.21 13.95
CA TYR A 32 3.20 10.95 13.84
C TYR A 32 3.32 11.37 12.39
N ARG A 33 3.37 12.68 12.14
CA ARG A 33 3.29 13.21 10.77
C ARG A 33 2.15 12.58 9.97
N ALA A 34 1.07 12.22 10.65
CA ALA A 34 0.03 11.39 10.03
C ALA A 34 -0.73 12.09 8.95
N ASP A 35 -0.72 13.44 8.96
CA ASP A 35 -1.46 14.19 7.95
C ASP A 35 -0.53 14.82 6.93
N GLU A 36 0.76 14.49 6.99
CA GLU A 36 1.68 14.94 5.93
C GLU A 36 1.56 14.00 4.73
N ARG A 37 1.76 14.55 3.53
CA ARG A 37 1.70 13.74 2.31
C ARG A 37 2.98 12.95 2.13
N PHE A 38 2.80 11.69 1.73
CA PHE A 38 3.90 10.84 1.27
C PHE A 38 3.46 10.16 0.00
N ALA A 39 4.40 9.85 -0.89
CA ALA A 39 4.06 9.11 -2.12
C ALA A 39 3.39 7.79 -1.77
N PHE A 40 2.33 7.44 -2.48
CA PHE A 40 1.71 6.11 -2.39
C PHE A 40 2.75 5.02 -2.65
N CYS A 41 3.55 5.22 -3.71
CA CYS A 41 4.25 4.10 -4.33
C CYS A 41 3.27 2.94 -4.47
N SER A 42 3.70 1.71 -4.23
CA SER A 42 2.82 0.57 -4.57
C SER A 42 1.68 0.34 -3.61
N THR A 43 1.62 1.11 -2.52
CA THR A 43 0.53 0.92 -1.57
C THR A 43 -0.83 1.15 -2.19
N PHE A 44 -0.88 1.89 -3.29
CA PHE A 44 -2.16 2.14 -3.95
C PHE A 44 -2.77 0.86 -4.51
N LYS A 45 -1.95 -0.17 -4.68
CA LYS A 45 -2.44 -1.40 -5.33
C LYS A 45 -3.46 -2.16 -4.51
N ALA A 46 -3.44 -1.99 -3.19
CA ALA A 46 -4.49 -2.57 -2.35
C ALA A 46 -5.87 -1.95 -2.65
N PRO A 47 -6.03 -0.63 -2.56
CA PRO A 47 -7.35 -0.10 -2.96
C PRO A 47 -7.63 -0.24 -4.46
N LEU A 48 -6.59 -0.36 -5.29
CA LEU A 48 -6.82 -0.58 -6.73
C LEU A 48 -7.53 -1.93 -6.94
N VAL A 49 -7.00 -2.98 -6.32
CA VAL A 49 -7.64 -4.29 -6.41
C VAL A 49 -9.07 -4.22 -5.84
N ALA A 50 -9.28 -3.51 -4.73
CA ALA A 50 -10.61 -3.33 -4.21
C ALA A 50 -11.52 -2.67 -5.24
N ALA A 51 -11.02 -1.65 -5.91
CA ALA A 51 -11.83 -0.94 -6.93
C ALA A 51 -12.24 -1.87 -8.04
N VAL A 52 -11.29 -2.63 -8.55
CA VAL A 52 -11.60 -3.57 -9.64
C VAL A 52 -12.57 -4.67 -9.19
N LEU A 53 -12.38 -5.21 -7.98
CA LEU A 53 -13.31 -6.18 -7.43
C LEU A 53 -14.70 -5.59 -7.31
N HIS A 54 -14.79 -4.39 -6.74
CA HIS A 54 -16.10 -3.77 -6.48
C HIS A 54 -16.85 -3.47 -7.78
N GLN A 55 -16.11 -3.09 -8.81
CA GLN A 55 -16.69 -2.62 -10.08
C GLN A 55 -17.30 -3.74 -10.92
N ASN A 56 -16.96 -4.98 -10.62
CA ASN A 56 -17.26 -6.09 -11.54
C ASN A 56 -17.83 -7.31 -10.83
N PRO A 57 -18.60 -8.14 -11.55
CA PRO A 57 -18.95 -9.45 -11.00
C PRO A 57 -17.70 -10.22 -10.66
N LEU A 58 -17.82 -11.11 -9.69
CA LEU A 58 -16.68 -11.86 -9.23
C LEU A 58 -15.99 -12.63 -10.35
N THR A 59 -16.76 -13.14 -11.31
CA THR A 59 -16.17 -13.93 -12.38
C THR A 59 -15.41 -13.11 -13.45
N HIS A 60 -15.44 -11.78 -13.31
CA HIS A 60 -14.49 -10.95 -14.06
C HIS A 60 -13.04 -11.35 -13.75
N LEU A 61 -12.81 -11.99 -12.59
CA LEU A 61 -11.49 -12.52 -12.25
C LEU A 61 -10.96 -13.47 -13.30
N ASP A 62 -11.85 -14.03 -14.11
CA ASP A 62 -11.49 -15.08 -15.04
C ASP A 62 -11.27 -14.57 -16.44
N LYS A 63 -11.45 -13.26 -16.63
CA LYS A 63 -11.22 -12.61 -17.92
C LYS A 63 -9.72 -12.55 -18.22
N LEU A 64 -9.32 -13.03 -19.40
CA LEU A 64 -7.92 -12.96 -19.86
C LEU A 64 -7.57 -11.59 -20.47
N ILE A 65 -6.49 -11.01 -19.96
CA ILE A 65 -5.94 -9.76 -20.46
C ILE A 65 -4.64 -10.05 -21.19
N THR A 66 -4.53 -9.55 -22.43
CA THR A 66 -3.30 -9.73 -23.19
C THR A 66 -2.56 -8.40 -23.22
N TYR A 67 -1.25 -8.47 -23.39
CA TYR A 67 -0.40 -7.29 -23.38
C TYR A 67 0.88 -7.64 -24.09
N THR A 68 1.68 -6.61 -24.37
CA THR A 68 2.81 -6.75 -25.29
C THR A 68 4.14 -6.31 -24.65
N SER A 69 5.22 -6.40 -25.43
CA SER A 69 6.53 -6.01 -24.97
C SER A 69 6.59 -4.59 -24.43
N ASP A 70 5.93 -3.67 -25.13
CA ASP A 70 5.97 -2.24 -24.75
C ASP A 70 5.14 -1.92 -23.51
N ASP A 71 4.46 -2.92 -22.97
CA ASP A 71 3.72 -2.74 -21.71
C ASP A 71 4.59 -3.02 -20.49
N ILE A 72 5.75 -3.64 -20.67
CA ILE A 72 6.64 -3.93 -19.53
C ILE A 72 7.60 -2.75 -19.35
N ARG A 73 7.27 -1.87 -18.40
CA ARG A 73 7.91 -0.55 -18.28
C ARG A 73 8.39 -0.34 -16.84
N SER A 74 8.33 -1.38 -16.02
CA SER A 74 8.58 -1.27 -14.57
C SER A 74 8.80 -2.65 -13.98
N ILE A 75 9.29 -2.73 -12.75
CA ILE A 75 9.47 -4.02 -12.04
C ILE A 75 8.18 -4.81 -12.08
N SER A 76 8.23 -5.98 -12.72
CA SER A 76 7.02 -6.77 -13.00
C SER A 76 7.35 -8.27 -12.93
N PRO A 77 7.63 -8.80 -11.71
CA PRO A 77 8.20 -10.16 -11.60
C PRO A 77 7.31 -11.22 -12.22
N VAL A 78 6.00 -11.01 -12.18
CA VAL A 78 5.06 -11.98 -12.73
C VAL A 78 4.69 -11.67 -14.18
N ALA A 79 4.28 -10.44 -14.46
CA ALA A 79 3.84 -10.11 -15.81
C ALA A 79 4.92 -10.33 -16.89
N GLN A 80 6.19 -10.18 -16.52
CA GLN A 80 7.30 -10.52 -17.44
C GLN A 80 7.33 -12.02 -17.83
N GLN A 81 6.95 -12.89 -16.90
CA GLN A 81 6.98 -14.37 -17.06
C GLN A 81 5.81 -14.88 -17.87
N HIS A 82 4.76 -14.08 -17.94
CA HIS A 82 3.50 -14.52 -18.55
C HIS A 82 3.12 -13.75 -19.80
N VAL A 83 4.03 -12.91 -20.28
CA VAL A 83 3.76 -12.04 -21.42
C VAL A 83 3.34 -12.78 -22.71
N GLN A 84 3.84 -14.01 -22.88
CA GLN A 84 3.52 -14.83 -24.04
C GLN A 84 2.13 -15.51 -24.00
N THR A 85 1.40 -15.35 -22.89
CA THR A 85 0.08 -16.02 -22.72
C THR A 85 -1.08 -15.09 -22.32
N GLY A 86 -0.75 -13.91 -21.80
CA GLY A 86 -1.77 -13.06 -21.16
C GLY A 86 -1.90 -13.43 -19.68
N MET A 87 -2.65 -12.63 -18.92
CA MET A 87 -2.92 -12.96 -17.54
C MET A 87 -4.38 -12.66 -17.28
N THR A 88 -5.02 -13.47 -16.44
CA THR A 88 -6.39 -13.16 -16.08
C THR A 88 -6.43 -11.98 -15.09
N ILE A 89 -7.58 -11.34 -14.97
CA ILE A 89 -7.75 -10.29 -13.98
C ILE A 89 -7.38 -10.79 -12.58
N GLY A 90 -7.77 -12.02 -12.22
CA GLY A 90 -7.38 -12.58 -10.93
C GLY A 90 -5.88 -12.71 -10.76
N GLN A 91 -5.21 -13.19 -11.81
CA GLN A 91 -3.74 -13.28 -11.81
C GLN A 91 -3.09 -11.89 -11.68
N LEU A 92 -3.65 -10.91 -12.36
CA LEU A 92 -3.16 -9.53 -12.23
C LEU A 92 -3.32 -9.00 -10.80
N CYS A 93 -4.48 -9.23 -10.18
CA CYS A 93 -4.66 -8.79 -8.81
C CYS A 93 -3.66 -9.47 -7.87
N ASP A 94 -3.49 -10.79 -8.03
CA ASP A 94 -2.53 -11.54 -7.24
C ASP A 94 -1.10 -10.93 -7.38
N ALA A 95 -0.69 -10.72 -8.61
CA ALA A 95 0.67 -10.21 -8.88
C ALA A 95 0.83 -8.79 -8.34
N ALA A 96 -0.20 -7.95 -8.54
CA ALA A 96 -0.14 -6.56 -8.05
C ALA A 96 0.04 -6.53 -6.54
N ILE A 97 -0.70 -7.35 -5.81
CA ILE A 97 -0.61 -7.31 -4.37
C ILE A 97 0.60 -8.07 -3.86
N ARG A 98 0.79 -9.30 -4.33
CA ARG A 98 1.78 -10.17 -3.69
C ARG A 98 3.22 -9.98 -4.15
N TYR A 99 3.40 -9.44 -5.36
CA TYR A 99 4.72 -9.18 -5.94
C TYR A 99 4.93 -7.71 -6.28
N SER A 100 3.96 -6.91 -5.99
CA SER A 100 4.03 -5.51 -6.32
C SER A 100 4.35 -5.27 -7.81
N ASP A 101 3.70 -6.05 -8.63
CA ASP A 101 3.98 -6.05 -10.05
C ASP A 101 3.43 -4.80 -10.71
N GLY A 102 4.33 -4.01 -11.33
CA GLY A 102 3.98 -2.72 -11.91
C GLY A 102 3.13 -2.81 -13.15
N THR A 103 3.46 -3.76 -14.01
CA THR A 103 2.66 -3.98 -15.22
C THR A 103 1.28 -4.48 -14.83
N ALA A 104 1.21 -5.36 -13.83
CA ALA A 104 -0.09 -5.87 -13.42
C ALA A 104 -0.96 -4.69 -12.95
N ALA A 105 -0.39 -3.79 -12.15
CA ALA A 105 -1.16 -2.66 -11.65
C ALA A 105 -1.55 -1.70 -12.79
N ASN A 106 -0.65 -1.47 -13.74
CA ASN A 106 -1.00 -0.62 -14.88
C ASN A 106 -2.15 -1.23 -15.68
N LEU A 107 -2.15 -2.56 -15.85
CA LEU A 107 -3.23 -3.22 -16.60
C LEU A 107 -4.55 -3.16 -15.83
N LEU A 108 -4.48 -3.27 -14.50
CA LEU A 108 -5.69 -3.13 -13.69
C LEU A 108 -6.25 -1.70 -13.73
N LEU A 109 -5.36 -0.70 -13.76
CA LEU A 109 -5.81 0.67 -13.92
C LEU A 109 -6.55 0.83 -15.26
N ALA A 110 -6.00 0.26 -16.33
CA ALA A 110 -6.65 0.34 -17.63
C ALA A 110 -7.99 -0.41 -17.63
N ASP A 111 -8.10 -1.49 -16.86
CA ASP A 111 -9.37 -2.21 -16.75
C ASP A 111 -10.43 -1.36 -16.08
N LEU A 112 -10.04 -0.66 -15.02
CA LEU A 112 -10.93 0.27 -14.35
C LEU A 112 -11.38 1.36 -15.35
N GLY A 113 -10.43 1.85 -16.15
CA GLY A 113 -10.74 2.65 -17.34
C GLY A 113 -10.96 4.11 -17.03
N GLY A 114 -11.35 4.86 -18.05
CA GLY A 114 -11.63 6.30 -17.89
C GLY A 114 -10.35 7.11 -18.08
N PRO A 115 -10.42 8.42 -17.83
CA PRO A 115 -9.29 9.35 -18.07
C PRO A 115 -8.04 9.01 -17.28
N GLY A 116 -6.89 9.44 -17.81
CA GLY A 116 -5.62 9.21 -17.11
C GLY A 116 -5.25 7.74 -16.97
N GLY A 117 -5.67 6.92 -17.94
CA GLY A 117 -5.41 5.47 -17.94
C GLY A 117 -5.98 4.75 -16.73
N GLY A 118 -7.03 5.31 -16.12
CA GLY A 118 -7.63 4.68 -14.93
C GLY A 118 -7.32 5.40 -13.63
N THR A 119 -6.37 6.33 -13.64
CA THR A 119 -6.00 7.05 -12.41
C THR A 119 -7.12 7.92 -11.84
N ALA A 120 -7.90 8.57 -12.72
CA ALA A 120 -9.03 9.37 -12.26
C ALA A 120 -10.10 8.49 -11.61
N ALA A 121 -10.39 7.34 -12.22
CA ALA A 121 -11.38 6.41 -11.62
C ALA A 121 -10.87 5.82 -10.31
N PHE A 122 -9.56 5.55 -10.22
CA PHE A 122 -9.00 5.06 -8.97
C PHE A 122 -9.20 6.12 -7.89
N THR A 123 -8.89 7.38 -8.22
CA THR A 123 -9.03 8.44 -7.24
C THR A 123 -10.52 8.60 -6.85
N GLY A 124 -11.41 8.42 -7.82
CA GLY A 124 -12.85 8.48 -7.56
C GLY A 124 -13.29 7.39 -6.60
N TYR A 125 -12.67 6.22 -6.72
CA TYR A 125 -12.99 5.14 -5.80
C TYR A 125 -12.61 5.56 -4.35
N LEU A 126 -11.43 6.16 -4.19
CA LEU A 126 -11.03 6.65 -2.87
C LEU A 126 -11.99 7.71 -2.37
N ARG A 127 -12.45 8.59 -3.27
CA ARG A 127 -13.43 9.59 -2.84
C ARG A 127 -14.71 8.94 -2.30
N SER A 128 -15.11 7.82 -2.90
CA SER A 128 -16.33 7.11 -2.49
C SER A 128 -16.22 6.54 -1.09
N LEU A 129 -14.98 6.34 -0.63
CA LEU A 129 -14.70 5.87 0.73
C LEU A 129 -14.43 7.02 1.66
N GLY A 130 -14.73 8.25 1.23
CA GLY A 130 -14.57 9.39 2.12
C GLY A 130 -13.19 9.99 2.18
N ASP A 131 -12.26 9.49 1.36
CA ASP A 131 -10.89 9.99 1.32
C ASP A 131 -10.82 11.17 0.34
N THR A 132 -10.79 12.39 0.89
CA THR A 132 -10.70 13.60 0.10
C THR A 132 -9.26 14.13 -0.02
N VAL A 133 -8.31 13.31 0.44
CA VAL A 133 -6.90 13.70 0.51
C VAL A 133 -6.06 13.09 -0.61
N SER A 134 -6.17 11.77 -0.78
CA SER A 134 -5.23 11.06 -1.67
C SER A 134 -5.49 11.39 -3.12
N ARG A 135 -4.48 11.18 -3.95
CA ARG A 135 -4.65 11.38 -5.38
C ARG A 135 -3.66 10.52 -6.14
N LEU A 136 -4.11 9.93 -7.24
CA LEU A 136 -3.20 9.18 -8.12
C LEU A 136 -3.24 9.88 -9.46
N ASP A 137 -2.06 10.21 -9.97
CA ASP A 137 -1.94 11.00 -11.18
C ASP A 137 -1.21 10.32 -12.31
N ALA A 138 -0.45 9.28 -11.99
CA ALA A 138 0.41 8.60 -12.96
C ALA A 138 0.36 7.12 -12.73
N GLU A 139 0.78 6.37 -13.76
CA GLU A 139 1.00 4.96 -13.54
C GLU A 139 2.48 4.66 -13.40
N ALA A 140 2.84 3.38 -13.38
CA ALA A 140 4.25 3.01 -13.28
C ALA A 140 4.93 3.22 -14.63
N PRO A 141 6.18 3.69 -14.64
CA PRO A 141 7.04 3.93 -13.49
C PRO A 141 6.96 5.33 -12.90
N GLU A 142 6.22 6.22 -13.54
CA GLU A 142 6.22 7.64 -13.14
C GLU A 142 5.76 7.90 -11.70
N LEU A 143 4.83 7.13 -11.20
CA LEU A 143 4.23 7.47 -9.92
C LEU A 143 5.17 7.44 -8.75
N ASN A 144 6.32 6.77 -8.88
CA ASN A 144 7.31 6.68 -7.77
C ASN A 144 8.37 7.78 -7.76
N ARG A 145 8.28 8.64 -8.74
CA ARG A 145 9.36 9.60 -9.08
C ARG A 145 9.11 11.10 -8.78
N ASP A 146 7.93 11.45 -8.26
CA ASP A 146 7.63 12.87 -8.07
C ASP A 146 8.61 13.45 -7.04
N PRO A 147 9.04 14.71 -7.21
CA PRO A 147 10.00 15.24 -6.24
C PRO A 147 9.41 15.29 -4.83
N PRO A 148 10.26 15.17 -3.80
CA PRO A 148 9.82 15.35 -2.42
C PRO A 148 8.98 16.63 -2.26
N GLY A 149 7.81 16.49 -1.62
CA GLY A 149 6.89 17.63 -1.42
C GLY A 149 5.81 17.79 -2.49
N ASP A 150 6.05 17.24 -3.68
CA ASP A 150 5.08 17.34 -4.76
C ASP A 150 3.84 16.54 -4.33
N GLU A 151 2.65 17.05 -4.63
CA GLU A 151 1.44 16.36 -4.17
C GLU A 151 0.93 15.31 -5.14
N ARG A 152 1.47 15.25 -6.35
CA ARG A 152 1.03 14.18 -7.25
C ARG A 152 1.34 12.83 -6.65
N ASP A 153 0.40 11.88 -6.83
CA ASP A 153 0.60 10.49 -6.43
C ASP A 153 0.83 10.27 -4.95
N THR A 154 0.18 11.09 -4.11
CA THR A 154 0.37 11.02 -2.67
C THR A 154 -0.88 10.61 -1.91
N THR A 155 -0.64 10.10 -0.73
CA THR A 155 -1.65 9.87 0.30
C THR A 155 -1.06 10.42 1.60
N THR A 156 -1.72 10.14 2.73
CA THR A 156 -1.12 10.40 4.03
C THR A 156 -1.31 9.13 4.86
N PRO A 157 -0.46 8.95 5.89
CA PRO A 157 -0.68 7.75 6.74
C PRO A 157 -2.12 7.67 7.28
N HIS A 158 -2.66 8.81 7.71
CA HIS A 158 -4.04 8.87 8.18
C HIS A 158 -5.03 8.44 7.10
N ALA A 159 -4.92 9.03 5.92
CA ALA A 159 -5.88 8.75 4.86
C ALA A 159 -5.88 7.28 4.44
N ILE A 160 -4.70 6.73 4.18
CA ILE A 160 -4.63 5.37 3.68
C ILE A 160 -5.00 4.37 4.76
N ALA A 161 -4.72 4.69 6.03
CA ALA A 161 -5.16 3.79 7.11
C ALA A 161 -6.69 3.70 7.18
N LEU A 162 -7.36 4.82 7.00
CA LEU A 162 -8.83 4.82 7.04
C LEU A 162 -9.41 4.08 5.86
N VAL A 163 -8.78 4.24 4.69
CA VAL A 163 -9.19 3.47 3.52
C VAL A 163 -9.01 1.96 3.77
N LEU A 164 -7.81 1.57 4.20
CA LEU A 164 -7.57 0.15 4.45
C LEU A 164 -8.50 -0.41 5.50
N GLN A 165 -8.82 0.39 6.51
CA GLN A 165 -9.74 -0.06 7.57
C GLN A 165 -11.10 -0.41 6.96
N GLN A 166 -11.61 0.45 6.08
CA GLN A 166 -12.92 0.19 5.47
C GLN A 166 -12.89 -1.05 4.57
N LEU A 167 -11.77 -1.23 3.85
CA LEU A 167 -11.65 -2.34 2.88
C LEU A 167 -11.57 -3.68 3.57
N VAL A 168 -10.77 -3.78 4.64
CA VAL A 168 -10.49 -5.05 5.29
C VAL A 168 -11.39 -5.33 6.49
N LEU A 169 -11.65 -4.31 7.32
CA LEU A 169 -12.41 -4.50 8.56
C LEU A 169 -13.84 -4.05 8.39
N GLY A 170 -14.08 -3.04 7.57
CA GLY A 170 -15.42 -2.52 7.37
C GLY A 170 -16.16 -3.16 6.21
N ASN A 171 -17.14 -2.42 5.69
CA ASN A 171 -18.09 -2.96 4.70
C ASN A 171 -18.02 -2.31 3.33
N ALA A 172 -16.86 -1.77 2.98
CA ALA A 172 -16.61 -1.21 1.66
C ALA A 172 -16.85 -2.25 0.57
N LEU A 173 -16.45 -3.50 0.82
CA LEU A 173 -16.62 -4.60 -0.11
C LEU A 173 -17.58 -5.61 0.48
N PRO A 174 -18.32 -6.33 -0.39
CA PRO A 174 -19.10 -7.46 0.13
C PRO A 174 -18.13 -8.52 0.64
N PRO A 175 -18.60 -9.41 1.53
CA PRO A 175 -17.72 -10.35 2.18
C PRO A 175 -16.86 -11.22 1.26
N ASP A 176 -17.42 -11.69 0.13
CA ASP A 176 -16.62 -12.49 -0.75
C ASP A 176 -15.44 -11.74 -1.40
N LYS A 177 -15.69 -10.49 -1.79
CA LYS A 177 -14.63 -9.70 -2.39
C LYS A 177 -13.63 -9.25 -1.32
N ARG A 178 -14.15 -8.94 -0.14
CA ARG A 178 -13.32 -8.58 1.02
C ARG A 178 -12.33 -9.72 1.32
N ALA A 179 -12.84 -10.95 1.28
CA ALA A 179 -11.98 -12.08 1.56
C ALA A 179 -10.86 -12.27 0.51
N LEU A 180 -11.17 -12.03 -0.77
CA LEU A 180 -10.16 -12.10 -1.83
C LEU A 180 -9.05 -11.10 -1.57
N LEU A 181 -9.40 -9.85 -1.27
CA LEU A 181 -8.37 -8.86 -1.01
C LEU A 181 -7.54 -9.19 0.23
N THR A 182 -8.23 -9.58 1.29
CA THR A 182 -7.58 -9.96 2.55
C THR A 182 -6.59 -11.10 2.35
N ASP A 183 -7.00 -12.14 1.62
CA ASP A 183 -6.11 -13.29 1.38
C ASP A 183 -4.89 -12.92 0.55
N TRP A 184 -5.06 -12.05 -0.44
CA TRP A 184 -3.90 -11.69 -1.25
C TRP A 184 -2.91 -10.92 -0.37
N MET A 185 -3.42 -10.02 0.46
CA MET A 185 -2.55 -9.28 1.38
C MET A 185 -1.90 -10.22 2.40
N ALA A 186 -2.66 -11.24 2.86
CA ALA A 186 -2.10 -12.24 3.79
C ALA A 186 -0.95 -13.02 3.22
N ARG A 187 -1.01 -13.23 1.91
CA ARG A 187 -0.02 -14.00 1.17
C ARG A 187 1.05 -13.13 0.51
N ASN A 188 1.12 -11.85 0.89
CA ASN A 188 2.13 -10.97 0.32
C ASN A 188 3.54 -11.54 0.49
N THR A 189 4.39 -11.36 -0.54
CA THR A 189 5.77 -11.89 -0.48
C THR A 189 6.79 -10.79 -0.22
N THR A 190 6.37 -9.52 -0.19
CA THR A 190 7.34 -8.44 -0.20
C THR A 190 7.52 -7.70 1.13
N GLY A 191 6.82 -8.13 2.19
CA GLY A 191 6.71 -7.34 3.42
C GLY A 191 7.38 -7.88 4.66
N ALA A 192 8.20 -8.92 4.52
CA ALA A 192 8.74 -9.62 5.70
C ALA A 192 9.63 -8.75 6.59
N LYS A 193 10.25 -7.71 6.00
CA LYS A 193 11.21 -6.87 6.72
C LYS A 193 10.63 -5.52 7.11
N ARG A 194 9.30 -5.41 7.04
CA ARG A 194 8.66 -4.12 7.35
C ARG A 194 7.73 -4.30 8.56
N ILE A 195 6.44 -3.99 8.44
CA ILE A 195 5.58 -4.09 9.61
C ILE A 195 5.61 -5.49 10.27
N ARG A 196 5.62 -6.52 9.43
CA ARG A 196 5.73 -7.90 9.91
C ARG A 196 6.91 -8.10 10.87
N ALA A 197 8.04 -7.46 10.57
CA ALA A 197 9.23 -7.66 11.39
C ALA A 197 9.08 -7.04 12.79
N GLY A 198 8.13 -6.12 12.95
CA GLY A 198 7.95 -5.43 14.23
C GLY A 198 6.92 -6.03 15.16
N PHE A 199 6.15 -6.99 14.67
CA PHE A 199 5.11 -7.63 15.48
C PHE A 199 5.50 -9.06 15.83
N PRO A 200 5.20 -9.49 17.06
CA PRO A 200 5.54 -10.86 17.44
C PRO A 200 4.86 -11.88 16.53
N ALA A 201 5.45 -13.07 16.44
CA ALA A 201 4.96 -14.14 15.57
C ALA A 201 3.50 -14.58 15.79
N ASP A 202 3.01 -14.43 17.01
CA ASP A 202 1.63 -14.79 17.30
C ASP A 202 0.58 -13.72 16.94
N TRP A 203 1.04 -12.59 16.40
CA TRP A 203 0.14 -11.63 15.77
C TRP A 203 0.05 -11.94 14.27
N LYS A 204 -1.14 -11.92 13.71
CA LYS A 204 -1.35 -12.09 12.25
C LYS A 204 -1.10 -10.74 11.59
N VAL A 205 -0.38 -10.74 10.47
CA VAL A 205 -0.11 -9.50 9.74
C VAL A 205 -0.45 -9.73 8.27
N ILE A 206 -1.24 -8.84 7.68
CA ILE A 206 -1.44 -8.81 6.22
C ILE A 206 -0.98 -7.42 5.77
N ASP A 207 -0.37 -7.29 4.59
CA ASP A 207 0.18 -5.96 4.24
C ASP A 207 0.32 -5.76 2.74
N LYS A 208 0.55 -4.50 2.39
CA LYS A 208 0.98 -4.11 1.06
C LYS A 208 2.07 -3.08 1.19
N THR A 209 3.22 -3.39 0.61
CA THR A 209 4.39 -2.50 0.64
C THR A 209 4.39 -1.46 -0.48
N GLY A 210 5.23 -0.45 -0.35
CA GLY A 210 5.60 0.38 -1.50
C GLY A 210 7.01 0.88 -1.32
N THR A 211 7.70 1.06 -2.45
CA THR A 211 9.07 1.52 -2.43
C THR A 211 9.23 2.44 -3.64
N GLY A 212 9.96 3.54 -3.46
CA GLY A 212 10.09 4.51 -4.56
C GLY A 212 11.46 5.16 -4.54
N ASP A 213 11.61 6.17 -5.39
CA ASP A 213 12.84 6.95 -5.42
C ASP A 213 12.88 7.88 -4.22
N TYR A 214 13.97 8.64 -4.07
CA TYR A 214 14.17 9.50 -2.89
C TYR A 214 14.03 8.70 -1.59
N GLY A 215 14.45 7.45 -1.62
CA GLY A 215 14.49 6.63 -0.41
C GLY A 215 13.13 6.29 0.14
N ARG A 216 12.11 6.28 -0.71
CA ARG A 216 10.73 5.99 -0.25
C ARG A 216 10.52 4.54 0.16
N ALA A 217 10.02 4.32 1.36
CA ALA A 217 9.62 3.00 1.80
C ALA A 217 8.37 3.09 2.65
N ASN A 218 7.33 2.38 2.23
CA ASN A 218 6.05 2.37 2.93
C ASN A 218 5.60 0.96 3.22
N ASP A 219 4.65 0.83 4.14
CA ASP A 219 3.95 -0.43 4.37
C ASP A 219 2.63 -0.11 5.00
N ILE A 220 1.57 -0.76 4.50
CA ILE A 220 0.25 -0.61 5.13
C ILE A 220 -0.23 -2.00 5.50
N ALA A 221 -0.77 -2.14 6.71
CA ALA A 221 -1.09 -3.46 7.23
C ALA A 221 -2.35 -3.45 8.04
N VAL A 222 -2.95 -4.63 8.10
CA VAL A 222 -3.91 -4.93 9.17
C VAL A 222 -3.27 -6.05 9.97
N VAL A 223 -3.28 -5.86 11.29
CA VAL A 223 -2.72 -6.83 12.22
C VAL A 223 -3.80 -7.28 13.17
N TRP A 224 -3.69 -8.52 13.64
CA TRP A 224 -4.61 -9.05 14.65
C TRP A 224 -3.78 -9.60 15.81
N SER A 225 -4.19 -9.20 17.01
CA SER A 225 -3.55 -9.69 18.22
C SER A 225 -3.80 -11.20 18.39
N PRO A 226 -3.06 -11.85 19.31
CA PRO A 226 -3.32 -13.29 19.53
C PRO A 226 -4.76 -13.61 19.96
N THR A 227 -5.51 -12.61 20.44
CA THR A 227 -6.93 -12.80 20.78
C THR A 227 -7.92 -12.25 19.74
N GLY A 228 -7.42 -11.90 18.56
CA GLY A 228 -8.29 -11.50 17.47
C GLY A 228 -8.73 -10.03 17.42
N VAL A 229 -8.00 -9.15 18.10
CA VAL A 229 -8.32 -7.71 18.09
C VAL A 229 -7.50 -7.08 16.96
N PRO A 230 -8.18 -6.46 15.97
CA PRO A 230 -7.46 -5.91 14.80
C PRO A 230 -7.08 -4.45 14.94
N TYR A 231 -5.95 -4.11 14.34
CA TYR A 231 -5.48 -2.73 14.28
C TYR A 231 -5.01 -2.50 12.85
N VAL A 232 -5.15 -1.27 12.38
CA VAL A 232 -4.63 -0.91 11.05
C VAL A 232 -3.37 -0.10 11.30
N VAL A 233 -2.30 -0.43 10.57
CA VAL A 233 -1.01 0.22 10.78
C VAL A 233 -0.53 0.76 9.43
N ALA A 234 -0.34 2.08 9.32
CA ALA A 234 0.28 2.69 8.14
C ALA A 234 1.60 3.35 8.49
N VAL A 235 2.67 2.92 7.83
CA VAL A 235 3.99 3.54 8.06
C VAL A 235 4.53 3.97 6.70
N MET A 236 4.93 5.23 6.62
CA MET A 236 5.45 5.79 5.35
C MET A 236 6.76 6.51 5.61
N SER A 237 7.68 6.47 4.65
CA SER A 237 8.96 7.14 4.87
C SER A 237 9.59 7.61 3.59
N ASP A 238 10.39 8.66 3.70
CA ASP A 238 11.27 9.08 2.57
C ASP A 238 12.55 9.67 3.11
N ARG A 239 13.52 9.85 2.22
CA ARG A 239 14.87 10.26 2.61
C ARG A 239 15.33 11.31 1.60
N ALA A 240 14.63 12.44 1.56
CA ALA A 240 14.88 13.47 0.55
C ALA A 240 16.30 13.95 0.56
N GLY A 241 16.93 13.94 1.74
CA GLY A 241 18.28 14.40 1.89
C GLY A 241 19.31 13.64 1.09
N GLY A 242 19.00 12.40 0.71
CA GLY A 242 19.90 11.66 -0.16
C GLY A 242 19.61 11.80 -1.65
N GLY A 243 18.64 12.62 -2.02
CA GLY A 243 18.32 12.84 -3.42
C GLY A 243 17.64 11.64 -4.07
N TYR A 244 17.53 11.71 -5.40
CA TYR A 244 16.75 10.72 -6.16
C TYR A 244 17.16 9.28 -5.87
N ASP A 245 18.45 9.04 -5.75
CA ASP A 245 18.98 7.69 -5.59
C ASP A 245 19.17 7.28 -4.13
N ALA A 246 18.62 8.05 -3.18
CA ALA A 246 18.69 7.64 -1.78
C ALA A 246 18.12 6.24 -1.64
N GLU A 247 18.82 5.40 -0.88
CA GLU A 247 18.36 4.04 -0.63
C GLU A 247 17.16 4.01 0.29
N PRO A 248 16.12 3.24 -0.07
CA PRO A 248 15.00 3.01 0.85
C PRO A 248 15.55 2.20 2.01
N ARG A 249 15.02 2.44 3.20
N ARG A 249 15.11 2.45 3.23
CA ARG A 249 15.48 1.80 4.43
CA ARG A 249 15.63 1.66 4.36
C ARG A 249 14.36 1.03 5.14
C ARG A 249 14.51 1.01 5.18
N GLU A 250 14.25 -0.25 4.86
CA GLU A 250 13.19 -1.07 5.44
C GLU A 250 13.25 -1.13 6.95
N ALA A 251 14.47 -1.09 7.47
CA ALA A 251 14.73 -1.18 8.88
C ALA A 251 14.05 -0.07 9.66
N LEU A 252 13.93 1.11 9.03
CA LEU A 252 13.18 2.20 9.64
C LEU A 252 11.73 1.76 9.91
N LEU A 253 11.13 1.09 8.93
CA LEU A 253 9.73 0.68 9.07
C LEU A 253 9.59 -0.46 10.12
N ALA A 254 10.54 -1.39 10.11
CA ALA A 254 10.57 -2.46 11.13
C ALA A 254 10.67 -1.89 12.55
N GLU A 255 11.54 -0.89 12.75
CA GLU A 255 11.72 -0.29 14.07
C GLU A 255 10.50 0.52 14.46
N ALA A 256 9.91 1.26 13.51
CA ALA A 256 8.69 2.01 13.79
C ALA A 256 7.58 1.05 14.21
N ALA A 257 7.44 -0.05 13.47
CA ALA A 257 6.40 -1.06 13.77
C ALA A 257 6.63 -1.72 15.14
N THR A 258 7.91 -1.91 15.50
CA THR A 258 8.26 -2.49 16.81
C THR A 258 7.80 -1.56 17.93
N CYS A 259 7.96 -0.25 17.72
CA CYS A 259 7.51 0.73 18.68
C CYS A 259 5.98 0.71 18.78
N VAL A 260 5.30 0.60 17.64
CA VAL A 260 3.84 0.52 17.66
C VAL A 260 3.37 -0.74 18.38
N ALA A 261 3.99 -1.87 18.05
CA ALA A 261 3.67 -3.17 18.66
C ALA A 261 3.81 -3.13 20.18
N GLY A 262 4.82 -2.41 20.67
CA GLY A 262 5.04 -2.20 22.11
C GLY A 262 3.85 -1.53 22.78
N VAL A 263 3.24 -0.58 22.09
CA VAL A 263 2.09 0.14 22.63
C VAL A 263 0.82 -0.74 22.60
N LEU A 264 0.66 -1.51 21.52
CA LEU A 264 -0.54 -2.33 21.31
C LEU A 264 -0.57 -3.65 22.06
N ALA A 265 0.58 -4.14 22.51
CA ALA A 265 0.65 -5.35 23.36
C ALA A 265 -0.04 -5.16 24.72
P PO4 B . 12.76 4.05 -10.92
O1 PO4 B . 14.06 4.40 -10.23
O2 PO4 B . 11.80 5.17 -10.66
O3 PO4 B . 13.06 3.88 -12.39
O4 PO4 B . 12.25 2.76 -10.27
P PO4 C . 3.57 18.09 11.46
O1 PO4 C . 5.05 18.24 11.78
O2 PO4 C . 2.76 18.13 12.73
O3 PO4 C . 3.21 19.26 10.56
O4 PO4 C . 3.28 16.79 10.74
P PO4 D . 7.77 -3.12 -3.14
O1 PO4 D . 7.83 -4.64 -3.29
O2 PO4 D . 8.56 -2.76 -1.89
O3 PO4 D . 8.34 -2.46 -4.37
O4 PO4 D . 6.34 -2.74 -2.91
C DH4 E . 5.74 -0.46 -5.62
N DH4 E . 7.93 -0.64 -6.61
O DH4 E . 6.15 0.27 -4.72
CA DH4 E . 6.52 -0.84 -6.86
CAC DH4 E . 8.56 0.08 -7.47
CAE DH4 E . 12.13 2.47 -7.14
CAF DH4 E . 12.20 1.56 -5.89
CAG DH4 E . 10.73 2.51 -7.77
CAH DH4 E . 12.11 0.08 -6.26
CAI DH4 E . 10.42 1.13 -8.43
CAJ DH4 E . 10.64 -0.38 -6.31
NAL DH4 E . 9.86 0.26 -7.41
#